data_8YLJ
#
_entry.id   8YLJ
#
_cell.length_a   52.528
_cell.length_b   78.796
_cell.length_c   39.878
_cell.angle_alpha   90.000
_cell.angle_beta   90.000
_cell.angle_gamma   90.000
#
_symmetry.space_group_name_H-M   'P 21 21 2'
#
loop_
_entity.id
_entity.type
_entity.pdbx_description
1 polymer 'Regulatory protein'
2 non-polymer 'URIC ACID'
3 water water
#
_entity_poly.entity_id   1
_entity_poly.type   'polypeptide(L)'
_entity_poly.pdbx_seq_one_letter_code
;SAKDLDAVDAILEQWRRERPDLDASPMGPIGRLRRCAVLMDQRLESCFSRFDLSSWEFDMLATLRRAGAPHCLSPTELFS
TLMVTSGTMTHRLKRLETRGFIERVQNELDARSTLVQLTSSGLELINRAVEAHIENERQVLSVLPAEVLAALDTNLAALL
RGLESHNKGN
;
_entity_poly.pdbx_strand_id   A
#
# COMPACT_ATOMS: atom_id res chain seq x y z
N LEU A 5 -15.98 20.23 -14.26
CA LEU A 5 -15.14 20.47 -13.10
C LEU A 5 -15.38 19.42 -12.03
N ASP A 6 -14.44 19.29 -11.09
CA ASP A 6 -14.55 18.36 -9.99
C ASP A 6 -14.43 19.10 -8.66
N ALA A 7 -14.29 18.34 -7.57
CA ALA A 7 -14.25 18.95 -6.24
C ALA A 7 -12.93 19.69 -6.01
N VAL A 8 -11.85 19.27 -6.68
CA VAL A 8 -10.58 19.98 -6.53
C VAL A 8 -10.59 21.29 -7.33
N ASP A 9 -11.28 21.31 -8.48
CA ASP A 9 -11.46 22.57 -9.19
C ASP A 9 -12.26 23.56 -8.35
N ALA A 10 -13.26 23.06 -7.61
CA ALA A 10 -14.04 23.94 -6.75
C ALA A 10 -13.19 24.50 -5.62
N ILE A 11 -12.28 23.70 -5.08
CA ILE A 11 -11.38 24.18 -4.04
C ILE A 11 -10.43 25.23 -4.58
N LEU A 12 -9.87 24.99 -5.77
CA LEU A 12 -9.01 25.98 -6.41
C LEU A 12 -9.76 27.27 -6.69
N GLU A 13 -11.06 27.17 -7.03
CA GLU A 13 -11.86 28.36 -7.23
C GLU A 13 -12.13 29.09 -5.93
N GLN A 14 -12.25 28.35 -4.82
CA GLN A 14 -12.39 28.99 -3.52
C GLN A 14 -11.15 29.79 -3.17
N TRP A 15 -9.97 29.28 -3.50
CA TRP A 15 -8.73 30.00 -3.21
C TRP A 15 -8.50 31.17 -4.16
N ARG A 16 -9.06 31.10 -5.38
CA ARG A 16 -9.01 32.26 -6.26
C ARG A 16 -9.79 33.44 -5.69
N ARG A 17 -10.82 33.15 -4.88
CA ARG A 17 -11.64 34.19 -4.28
C ARG A 17 -11.10 34.66 -2.93
N GLU A 18 -10.61 33.73 -2.09
CA GLU A 18 -10.25 34.05 -0.72
C GLU A 18 -8.84 34.59 -0.56
N ARG A 19 -7.88 34.08 -1.34
CA ARG A 19 -6.50 34.57 -1.31
C ARG A 19 -6.04 34.87 -2.73
N PRO A 20 -6.56 35.94 -3.34
CA PRO A 20 -6.13 36.29 -4.70
C PRO A 20 -4.67 36.70 -4.79
N ASP A 21 -4.03 37.01 -3.66
CA ASP A 21 -2.60 37.32 -3.67
C ASP A 21 -1.73 36.07 -3.80
N LEU A 22 -2.29 34.89 -3.56
CA LEU A 22 -1.54 33.64 -3.64
C LEU A 22 -1.92 32.88 -4.90
N ASP A 23 -0.96 32.10 -5.41
CA ASP A 23 -1.18 31.17 -6.51
C ASP A 23 -1.19 29.77 -5.93
N ALA A 24 -2.39 29.18 -5.83
CA ALA A 24 -2.57 27.87 -5.21
C ALA A 24 -2.62 26.74 -6.24
N SER A 25 -2.07 26.97 -7.44
CA SER A 25 -2.11 25.93 -8.47
C SER A 25 -1.40 24.64 -8.10
N PRO A 26 -0.32 24.62 -7.31
CA PRO A 26 0.24 23.31 -6.90
C PRO A 26 -0.72 22.46 -6.08
N MET A 27 -1.78 23.05 -5.51
CA MET A 27 -2.77 22.26 -4.78
C MET A 27 -3.54 21.31 -5.69
N GLY A 28 -3.63 21.62 -6.99
CA GLY A 28 -4.40 20.83 -7.92
C GLY A 28 -3.93 19.40 -8.04
N PRO A 29 -2.73 19.20 -8.60
CA PRO A 29 -2.23 17.82 -8.79
C PRO A 29 -2.11 17.04 -7.50
N ILE A 30 -1.62 17.66 -6.43
CA ILE A 30 -1.44 16.95 -5.18
C ILE A 30 -2.78 16.63 -4.54
N GLY A 31 -3.73 17.55 -4.61
CA GLY A 31 -5.05 17.30 -4.07
C GLY A 31 -5.75 16.12 -4.73
N ARG A 32 -5.66 16.04 -6.06
CA ARG A 32 -6.28 14.92 -6.77
C ARG A 32 -5.57 13.60 -6.47
N LEU A 33 -4.25 13.64 -6.36
CA LEU A 33 -3.49 12.45 -5.99
C LEU A 33 -3.95 11.92 -4.63
N ARG A 34 -3.99 12.78 -3.61
CA ARG A 34 -4.38 12.34 -2.29
C ARG A 34 -5.86 11.98 -2.22
N ARG A 35 -6.70 12.70 -2.95
CA ARG A 35 -8.13 12.37 -2.97
C ARG A 35 -8.37 11.02 -3.64
N CYS A 36 -7.68 10.74 -4.75
CA CYS A 36 -7.79 9.45 -5.41
C CYS A 36 -7.28 8.33 -4.51
N ALA A 37 -6.18 8.56 -3.80
CA ALA A 37 -5.58 7.51 -2.99
C ALA A 37 -6.49 7.11 -1.83
N VAL A 38 -7.19 8.08 -1.24
CA VAL A 38 -8.12 7.76 -0.15
C VAL A 38 -9.31 6.97 -0.69
N LEU A 39 -9.89 7.41 -1.80
CA LEU A 39 -11.00 6.68 -2.39
C LEU A 39 -10.57 5.31 -2.89
N MET A 40 -9.34 5.21 -3.41
CA MET A 40 -8.82 3.91 -3.81
C MET A 40 -8.66 2.97 -2.62
N ASP A 41 -8.21 3.51 -1.48
CA ASP A 41 -8.04 2.70 -0.29
C ASP A 41 -9.37 2.14 0.19
N GLN A 42 -10.45 2.92 0.11
CA GLN A 42 -11.76 2.42 0.50
C GLN A 42 -12.21 1.27 -0.38
N ARG A 43 -11.90 1.34 -1.68
CA ARG A 43 -12.24 0.26 -2.59
C ARG A 43 -11.42 -0.99 -2.29
N LEU A 44 -10.14 -0.82 -1.91
CA LEU A 44 -9.30 -1.96 -1.61
C LEU A 44 -9.70 -2.62 -0.29
N GLU A 45 -9.90 -1.81 0.75
CA GLU A 45 -10.21 -2.38 2.05
C GLU A 45 -11.61 -2.96 2.12
N SER A 46 -12.49 -2.62 1.16
CA SER A 46 -13.77 -3.29 1.05
C SER A 46 -13.60 -4.76 0.63
N CYS A 47 -12.47 -5.10 0.02
CA CYS A 47 -12.12 -6.47 -0.30
C CYS A 47 -11.25 -7.11 0.79
N PHE A 48 -10.32 -6.34 1.37
CA PHE A 48 -9.48 -6.88 2.44
C PHE A 48 -10.30 -7.27 3.66
N SER A 49 -11.39 -6.55 3.92
CA SER A 49 -12.19 -6.80 5.11
C SER A 49 -12.83 -8.18 5.11
N ARG A 50 -13.06 -8.76 3.93
CA ARG A 50 -13.61 -10.11 3.87
C ARG A 50 -12.66 -11.14 4.46
N PHE A 51 -11.39 -10.80 4.63
CA PHE A 51 -10.38 -11.69 5.20
C PHE A 51 -9.91 -11.23 6.58
N ASP A 52 -10.59 -10.26 7.18
CA ASP A 52 -10.22 -9.70 8.49
C ASP A 52 -8.81 -9.12 8.45
N LEU A 53 -8.48 -8.45 7.34
CA LEU A 53 -7.19 -7.83 7.15
C LEU A 53 -7.34 -6.34 6.93
N SER A 54 -6.42 -5.56 7.49
CA SER A 54 -6.31 -4.15 7.17
C SER A 54 -5.40 -4.00 5.95
N SER A 55 -5.14 -2.75 5.55
CA SER A 55 -4.25 -2.53 4.41
C SER A 55 -2.81 -2.88 4.76
N TRP A 56 -2.35 -2.52 5.97
CA TRP A 56 -0.98 -2.83 6.34
C TRP A 56 -0.79 -4.31 6.62
N GLU A 57 -1.85 -4.98 7.09
CA GLU A 57 -1.78 -6.43 7.30
C GLU A 57 -1.62 -7.16 5.97
N PHE A 58 -2.41 -6.77 4.96
CA PHE A 58 -2.26 -7.36 3.64
C PHE A 58 -0.87 -7.07 3.08
N ASP A 59 -0.38 -5.85 3.27
CA ASP A 59 0.93 -5.48 2.73
C ASP A 59 2.03 -6.36 3.32
N MET A 60 2.04 -6.53 4.64
CA MET A 60 3.09 -7.31 5.28
C MET A 60 2.99 -8.80 4.92
N LEU A 61 1.77 -9.32 4.80
CA LEU A 61 1.61 -10.73 4.43
C LEU A 61 1.99 -10.96 2.98
N ALA A 62 1.56 -10.07 2.08
CA ALA A 62 1.89 -10.22 0.67
C ALA A 62 3.39 -10.05 0.44
N THR A 63 4.05 -9.23 1.26
CA THR A 63 5.49 -9.04 1.11
C THR A 63 6.24 -10.32 1.47
N LEU A 64 5.86 -10.97 2.57
CA LEU A 64 6.47 -12.25 2.92
C LEU A 64 6.15 -13.31 1.87
N ARG A 65 4.95 -13.27 1.30
CA ARG A 65 4.60 -14.22 0.25
C ARG A 65 5.43 -14.00 -1.00
N ARG A 66 5.69 -12.74 -1.36
CA ARG A 66 6.48 -12.44 -2.54
C ARG A 66 7.93 -12.87 -2.42
N ALA A 67 8.41 -13.14 -1.20
CA ALA A 67 9.80 -13.54 -1.00
C ALA A 67 10.06 -14.97 -1.43
N GLY A 68 9.02 -15.77 -1.62
CA GLY A 68 9.18 -17.17 -1.96
C GLY A 68 9.40 -18.04 -0.74
N ALA A 69 9.22 -19.34 -0.93
CA ALA A 69 9.40 -20.29 0.15
C ALA A 69 10.81 -20.18 0.72
N PRO A 70 11.00 -20.32 2.04
CA PRO A 70 9.95 -20.61 3.03
C PRO A 70 9.26 -19.36 3.60
N HIS A 71 9.18 -18.29 2.81
CA HIS A 71 8.46 -17.08 3.18
C HIS A 71 8.98 -16.50 4.49
N CYS A 72 10.30 -16.36 4.57
CA CYS A 72 10.99 -15.88 5.76
C CYS A 72 11.84 -14.68 5.38
N LEU A 73 11.59 -13.54 6.03
CA LEU A 73 12.33 -12.32 5.75
C LEU A 73 12.81 -11.69 7.04
N SER A 74 13.95 -10.99 6.95
CA SER A 74 14.41 -10.17 8.05
C SER A 74 13.56 -8.89 8.11
N PRO A 75 13.46 -8.26 9.28
CA PRO A 75 12.71 -7.01 9.37
C PRO A 75 13.20 -5.94 8.41
N THR A 76 14.50 -5.85 8.16
CA THR A 76 15.01 -4.88 7.19
C THR A 76 14.56 -5.25 5.77
N GLU A 77 14.71 -6.52 5.40
CA GLU A 77 14.24 -6.96 4.09
C GLU A 77 12.73 -6.78 3.97
N LEU A 78 11.98 -7.08 5.03
CA LEU A 78 10.53 -6.91 4.99
C LEU A 78 10.15 -5.45 4.76
N PHE A 79 10.80 -4.53 5.48
CA PHE A 79 10.47 -3.11 5.34
C PHE A 79 10.77 -2.60 3.94
N SER A 80 11.90 -3.01 3.37
CA SER A 80 12.32 -2.47 2.08
C SER A 80 11.48 -2.97 0.91
N THR A 81 10.75 -4.07 1.07
CA THR A 81 9.96 -4.63 -0.02
C THR A 81 8.46 -4.48 0.19
N LEU A 82 8.03 -3.69 1.17
CA LEU A 82 6.63 -3.34 1.30
C LEU A 82 6.19 -2.44 0.15
N MET A 83 4.90 -2.53 -0.20
CA MET A 83 4.38 -1.67 -1.26
C MET A 83 4.44 -0.20 -0.86
N VAL A 84 4.02 0.10 0.37
CA VAL A 84 4.09 1.46 0.91
C VAL A 84 4.81 1.40 2.25
N THR A 85 5.70 2.35 2.48
CA THR A 85 6.39 2.45 3.76
C THR A 85 5.51 3.17 4.77
N SER A 86 5.91 3.07 6.04
CA SER A 86 5.15 3.71 7.12
C SER A 86 6.10 3.93 8.30
N GLY A 87 5.53 3.98 9.50
CA GLY A 87 6.31 4.12 10.72
C GLY A 87 6.99 2.83 11.12
N THR A 88 7.24 2.71 12.42
CA THR A 88 7.85 1.50 12.95
C THR A 88 6.94 0.30 12.76
N MET A 89 7.54 -0.89 12.75
CA MET A 89 6.81 -2.14 12.58
C MET A 89 6.66 -2.91 13.88
N THR A 90 7.11 -2.34 15.00
CA THR A 90 7.13 -3.08 16.27
C THR A 90 5.75 -3.60 16.65
N HIS A 91 4.78 -2.70 16.74
CA HIS A 91 3.44 -3.09 17.18
C HIS A 91 2.67 -3.83 16.09
N ARG A 92 2.90 -3.48 14.82
CA ARG A 92 2.20 -4.15 13.73
C ARG A 92 2.64 -5.60 13.61
N LEU A 93 3.94 -5.86 13.73
CA LEU A 93 4.42 -7.24 13.74
C LEU A 93 3.94 -7.99 14.97
N LYS A 94 3.82 -7.30 16.11
CA LYS A 94 3.37 -7.96 17.33
C LYS A 94 1.92 -8.41 17.23
N ARG A 95 1.08 -7.65 16.51
CA ARG A 95 -0.32 -8.06 16.35
C ARG A 95 -0.44 -9.24 15.39
N LEU A 96 0.30 -9.20 14.27
CA LEU A 96 0.28 -10.32 13.34
C LEU A 96 0.76 -11.60 14.00
N GLU A 97 1.68 -11.49 14.96
CA GLU A 97 2.13 -12.67 15.68
C GLU A 97 1.06 -13.20 16.61
N THR A 98 0.27 -12.31 17.22
CA THR A 98 -0.82 -12.75 18.10
C THR A 98 -1.91 -13.46 17.32
N ARG A 99 -2.20 -12.99 16.10
CA ARG A 99 -3.21 -13.59 15.25
C ARG A 99 -2.75 -14.90 14.62
N GLY A 100 -1.48 -15.28 14.82
CA GLY A 100 -0.97 -16.52 14.28
C GLY A 100 -0.61 -16.48 12.81
N PHE A 101 -0.53 -15.29 12.21
CA PHE A 101 -0.19 -15.20 10.79
C PHE A 101 1.31 -15.22 10.56
N ILE A 102 2.10 -14.75 11.53
CA ILE A 102 3.56 -14.76 11.41
C ILE A 102 4.14 -15.23 12.74
N GLU A 103 5.35 -15.79 12.67
CA GLU A 103 6.11 -16.18 13.83
C GLU A 103 7.52 -15.60 13.73
N ARG A 104 8.06 -15.17 14.86
CA ARG A 104 9.42 -14.60 14.92
C ARG A 104 10.37 -15.72 15.31
N VAL A 105 11.13 -16.21 14.33
CA VAL A 105 12.11 -17.27 14.55
C VAL A 105 13.48 -16.64 14.71
N GLN A 106 14.35 -17.34 15.44
CA GLN A 106 15.70 -16.84 15.69
C GLN A 106 16.58 -17.05 14.46
N ASN A 107 17.34 -16.02 14.10
CA ASN A 107 18.28 -16.13 13.00
C ASN A 107 19.37 -17.13 13.36
N GLU A 108 19.56 -18.13 12.50
CA GLU A 108 20.59 -19.13 12.76
C GLU A 108 22.00 -18.55 12.64
N LEU A 109 22.15 -17.48 11.85
CA LEU A 109 23.44 -16.83 11.67
C LEU A 109 23.70 -15.77 12.73
N ASP A 110 22.71 -15.42 13.54
CA ASP A 110 22.90 -14.45 14.62
C ASP A 110 21.82 -14.73 15.67
N ALA A 111 22.23 -15.22 16.84
CA ALA A 111 21.28 -15.60 17.87
C ALA A 111 20.51 -14.40 18.39
N ARG A 112 21.17 -13.25 18.51
CA ARG A 112 20.55 -12.02 18.98
C ARG A 112 19.76 -11.30 17.89
N SER A 113 19.44 -11.98 16.80
CA SER A 113 18.63 -11.42 15.73
C SER A 113 17.39 -12.28 15.52
N THR A 114 16.34 -11.67 15.00
CA THR A 114 15.06 -12.35 14.77
C THR A 114 14.66 -12.25 13.31
N LEU A 115 13.94 -13.25 12.83
CA LEU A 115 13.41 -13.28 11.47
C LEU A 115 11.91 -13.45 11.52
N VAL A 116 11.24 -12.97 10.47
CA VAL A 116 9.79 -13.02 10.37
C VAL A 116 9.43 -14.12 9.37
N GLN A 117 8.70 -15.13 9.84
CA GLN A 117 8.30 -16.26 9.00
C GLN A 117 6.79 -16.32 8.90
N LEU A 118 6.29 -16.36 7.66
CA LEU A 118 4.86 -16.52 7.43
C LEU A 118 4.43 -17.92 7.84
N THR A 119 3.47 -18.00 8.76
CA THR A 119 2.99 -19.30 9.20
C THR A 119 2.13 -19.94 8.11
N SER A 120 1.79 -21.21 8.32
CA SER A 120 0.93 -21.92 7.39
C SER A 120 -0.48 -21.35 7.35
N SER A 121 -0.92 -20.70 8.42
CA SER A 121 -2.22 -20.04 8.42
C SER A 121 -2.19 -18.78 7.59
N GLY A 122 -1.18 -17.94 7.81
CA GLY A 122 -1.04 -16.72 7.02
C GLY A 122 -0.76 -16.99 5.55
N LEU A 123 -0.11 -18.12 5.25
CA LEU A 123 0.17 -18.46 3.86
C LEU A 123 -1.11 -18.81 3.11
N GLU A 124 -1.99 -19.61 3.72
CA GLU A 124 -3.25 -19.94 3.09
C GLU A 124 -4.16 -18.73 2.99
N LEU A 125 -4.10 -17.83 3.96
CA LEU A 125 -4.91 -16.62 3.92
C LEU A 125 -4.44 -15.67 2.81
N ILE A 126 -3.12 -15.43 2.74
CA ILE A 126 -2.62 -14.45 1.78
C ILE A 126 -2.73 -14.96 0.35
N ASN A 127 -2.71 -16.27 0.16
CA ASN A 127 -2.90 -16.80 -1.20
C ASN A 127 -4.31 -16.60 -1.69
N ARG A 128 -5.30 -16.67 -0.79
CA ARG A 128 -6.67 -16.40 -1.18
C ARG A 128 -6.94 -14.90 -1.28
N ALA A 129 -6.34 -14.11 -0.38
CA ALA A 129 -6.57 -12.67 -0.39
C ALA A 129 -5.97 -12.02 -1.62
N VAL A 130 -4.78 -12.46 -2.05
CA VAL A 130 -4.14 -11.82 -3.20
C VAL A 130 -4.93 -12.08 -4.48
N GLU A 131 -5.62 -13.23 -4.56
CA GLU A 131 -6.43 -13.52 -5.74
C GLU A 131 -7.62 -12.58 -5.83
N ALA A 132 -8.35 -12.41 -4.72
CA ALA A 132 -9.48 -11.50 -4.72
C ALA A 132 -9.03 -10.05 -4.82
N HIS A 133 -7.87 -9.72 -4.25
CA HIS A 133 -7.34 -8.36 -4.34
C HIS A 133 -7.01 -7.98 -5.77
N ILE A 134 -6.42 -8.90 -6.53
CA ILE A 134 -6.07 -8.62 -7.92
C ILE A 134 -7.33 -8.41 -8.75
N GLU A 135 -8.32 -9.30 -8.59
CA GLU A 135 -9.57 -9.14 -9.33
C GLU A 135 -10.28 -7.85 -8.94
N ASN A 136 -10.21 -7.47 -7.66
CA ASN A 136 -10.83 -6.22 -7.22
C ASN A 136 -10.16 -5.01 -7.88
N GLU A 137 -8.83 -5.01 -7.92
CA GLU A 137 -8.10 -3.91 -8.55
C GLU A 137 -8.38 -3.82 -10.04
N ARG A 138 -8.59 -4.96 -10.70
CA ARG A 138 -8.92 -4.94 -12.12
C ARG A 138 -10.28 -4.29 -12.36
N GLN A 139 -11.25 -4.57 -11.49
CA GLN A 139 -12.58 -3.96 -11.65
C GLN A 139 -12.53 -2.45 -11.43
N VAL A 140 -11.69 -1.99 -10.49
CA VAL A 140 -11.59 -0.56 -10.23
C VAL A 140 -11.04 0.16 -11.45
N LEU A 141 -9.93 -0.33 -12.00
CA LEU A 141 -9.30 0.30 -13.15
C LEU A 141 -10.04 0.04 -14.45
N SER A 142 -11.02 -0.87 -14.45
CA SER A 142 -11.69 -1.24 -15.69
C SER A 142 -12.48 -0.09 -16.31
N VAL A 143 -12.88 0.89 -15.51
CA VAL A 143 -13.69 1.99 -16.03
C VAL A 143 -12.88 2.98 -16.85
N LEU A 144 -11.54 2.96 -16.72
CA LEU A 144 -10.71 3.91 -17.46
C LEU A 144 -10.34 3.36 -18.83
N PRO A 145 -10.19 4.23 -19.82
CA PRO A 145 -9.67 3.78 -21.12
C PRO A 145 -8.25 3.28 -20.97
N ALA A 146 -7.88 2.34 -21.85
CA ALA A 146 -6.55 1.74 -21.78
C ALA A 146 -5.46 2.78 -21.96
N GLU A 147 -5.67 3.73 -22.87
CA GLU A 147 -4.67 4.76 -23.13
C GLU A 147 -4.51 5.70 -21.94
N VAL A 148 -5.59 5.95 -21.19
CA VAL A 148 -5.50 6.83 -20.04
C VAL A 148 -4.80 6.12 -18.87
N LEU A 149 -5.13 4.85 -18.65
CA LEU A 149 -4.51 4.12 -17.55
C LEU A 149 -3.01 3.94 -17.78
N ALA A 150 -2.61 3.67 -19.03
CA ALA A 150 -1.19 3.52 -19.33
C ALA A 150 -0.44 4.83 -19.12
N ALA A 151 -1.06 5.96 -19.51
CA ALA A 151 -0.41 7.25 -19.33
C ALA A 151 -0.33 7.62 -17.85
N LEU A 152 -1.38 7.32 -17.08
CA LEU A 152 -1.36 7.59 -15.66
C LEU A 152 -0.30 6.75 -14.95
N ASP A 153 -0.14 5.49 -15.38
CA ASP A 153 0.89 4.64 -14.80
C ASP A 153 2.28 5.18 -15.06
N THR A 154 2.51 5.71 -16.26
CA THR A 154 3.82 6.25 -16.60
C THR A 154 4.08 7.56 -15.89
N ASN A 155 3.07 8.43 -15.80
CA ASN A 155 3.25 9.71 -15.13
C ASN A 155 3.40 9.54 -13.62
N LEU A 156 2.78 8.51 -13.05
CA LEU A 156 2.97 8.23 -11.63
C LEU A 156 4.37 7.70 -11.35
N ALA A 157 4.94 6.94 -12.29
CA ALA A 157 6.32 6.50 -12.14
C ALA A 157 7.29 7.66 -12.17
N ALA A 158 6.99 8.68 -12.99
CA ALA A 158 7.82 9.89 -13.00
C ALA A 158 7.72 10.64 -11.68
N LEU A 159 6.50 10.76 -11.14
CA LEU A 159 6.35 11.41 -9.84
C LEU A 159 7.06 10.61 -8.75
N LEU A 160 6.90 9.29 -8.75
CA LEU A 160 7.58 8.46 -7.76
C LEU A 160 9.09 8.61 -7.85
N ARG A 161 9.62 8.76 -9.07
CA ARG A 161 11.06 8.93 -9.24
C ARG A 161 11.58 10.16 -8.52
N GLY A 162 10.84 11.27 -8.61
CA GLY A 162 11.30 12.49 -7.96
C GLY A 162 11.14 12.44 -6.44
N LEU A 163 10.05 11.83 -5.97
CA LEU A 163 9.81 11.76 -4.53
C LEU A 163 10.88 10.92 -3.84
N GLU A 164 11.24 9.78 -4.42
CA GLU A 164 12.25 8.92 -3.80
C GLU A 164 13.67 9.41 -4.05
N SER A 165 13.90 10.20 -5.09
CA SER A 165 15.21 10.80 -5.29
C SER A 165 15.49 11.93 -4.30
N HIS A 166 14.50 12.32 -3.51
CA HIS A 166 14.67 13.39 -2.52
C HIS A 166 15.29 12.86 -1.24
#